data_7G0R
#
_entry.id   7G0R
#
_cell.length_a   32.597
_cell.length_b   53.786
_cell.length_c   74.863
_cell.angle_alpha   90.000
_cell.angle_beta   90.000
_cell.angle_gamma   90.000
#
_symmetry.space_group_name_H-M   'P 21 21 21'
#
loop_
_entity.id
_entity.type
_entity.pdbx_description
1 polymer 'Fatty acid-binding protein, adipocyte'
2 non-polymer 4-methoxy-1,2-benzoxazol-3-amine
3 non-polymer 'SULFATE ION'
4 non-polymer BENZAMIDE
5 non-polymer 'DIMETHYL SULFOXIDE'
6 water water
#
_entity_poly.entity_id   1
_entity_poly.type   'polypeptide(L)'
_entity_poly.pdbx_seq_one_letter_code
;GSHMCDAFVGTWKLVSSENFDDYMKEVGVGFATRKVAGMAKPNMIISVNGDVITIKSESTFKNTEISFILGQEFDEVTAD
DRKVKSTITLDGGVLVHVQKWDGKSTTIKRKREDDKLVVECVMKGVTSTRVYERA
;
_entity_poly.pdbx_strand_id   A
#
loop_
_chem_comp.id
_chem_comp.type
_chem_comp.name
_chem_comp.formula
5WX non-polymer 4-methoxy-1,2-benzoxazol-3-amine 'C8 H8 N2 O2'
DMS non-polymer 'DIMETHYL SULFOXIDE' 'C2 H6 O S'
SO4 non-polymer 'SULFATE ION' 'O4 S -2'
UNU non-polymer BENZAMIDE 'C7 H7 N O'
#
# COMPACT_ATOMS: atom_id res chain seq x y z
N SER A 2 6.18 -12.46 20.31
CA SER A 2 6.46 -12.16 18.87
C SER A 2 5.26 -12.62 18.01
N HIS A 3 5.09 -11.99 16.86
CA HIS A 3 4.22 -12.51 15.83
C HIS A 3 4.95 -12.40 14.53
N MET A 4 4.61 -13.29 13.59
CA MET A 4 5.27 -13.22 12.30
C MET A 4 5.25 -11.78 11.65
N CYS A 5 4.13 -11.03 11.75
N CYS A 5 4.11 -11.03 11.76
CA CYS A 5 4.07 -9.59 11.18
CA CYS A 5 3.94 -9.58 11.23
C CYS A 5 5.04 -8.58 11.82
C CYS A 5 5.00 -8.58 11.82
N ASP A 6 5.79 -9.07 12.78
CA ASP A 6 6.86 -8.32 13.38
C ASP A 6 7.83 -7.76 12.43
N ALA A 7 8.16 -8.54 11.39
CA ALA A 7 9.21 -8.11 10.42
C ALA A 7 8.76 -6.96 9.55
N PHE A 8 7.46 -6.61 9.56
CA PHE A 8 6.97 -5.41 8.84
C PHE A 8 6.96 -4.17 9.70
N VAL A 9 6.97 -4.30 11.02
CA VAL A 9 6.79 -3.16 11.88
C VAL A 9 8.00 -2.25 11.78
N GLY A 10 7.74 -0.94 11.74
CA GLY A 10 8.75 0.10 11.78
C GLY A 10 8.41 1.20 10.81
N THR A 11 9.44 2.00 10.53
CA THR A 11 9.35 3.16 9.68
C THR A 11 10.22 2.90 8.45
N TRP A 12 9.60 3.03 7.29
CA TRP A 12 10.23 2.69 6.02
C TRP A 12 10.18 3.87 5.10
N LYS A 13 11.16 4.04 4.25
CA LYS A 13 11.27 5.11 3.26
C LYS A 13 11.38 4.53 1.85
N LEU A 14 10.71 5.19 0.90
CA LEU A 14 10.70 4.76 -0.49
C LEU A 14 12.11 4.94 -1.09
N VAL A 15 12.67 3.91 -1.69
CA VAL A 15 13.89 4.04 -2.38
C VAL A 15 13.87 3.80 -3.85
N SER A 16 12.91 3.06 -4.39
CA SER A 16 12.80 2.95 -5.83
C SER A 16 11.35 2.69 -6.21
N SER A 17 11.01 3.03 -7.44
CA SER A 17 9.69 2.77 -8.00
C SER A 17 9.85 2.41 -9.46
N GLU A 18 9.08 1.44 -9.95
CA GLU A 18 9.08 1.11 -11.33
C GLU A 18 7.63 0.90 -11.78
N ASN A 19 7.33 1.51 -12.91
CA ASN A 19 6.05 1.35 -13.61
CA ASN A 19 6.09 1.35 -13.65
C ASN A 19 4.88 1.91 -12.89
N PHE A 20 5.07 2.81 -11.92
CA PHE A 20 3.97 3.30 -11.12
C PHE A 20 3.01 4.16 -11.93
N ASP A 21 3.53 4.95 -12.89
CA ASP A 21 2.61 5.79 -13.68
C ASP A 21 1.63 4.88 -14.46
N ASP A 22 2.18 3.81 -15.07
CA ASP A 22 1.33 2.87 -15.83
C ASP A 22 0.33 2.18 -14.94
N TYR A 23 0.72 1.80 -13.72
CA TYR A 23 -0.22 1.20 -12.78
C TYR A 23 -1.32 2.17 -12.47
N MET A 24 -0.94 3.43 -12.16
CA MET A 24 -1.95 4.47 -11.85
C MET A 24 -2.90 4.68 -13.04
N LYS A 25 -2.37 4.69 -14.27
CA LYS A 25 -3.23 4.82 -15.45
C LYS A 25 -4.24 3.68 -15.51
N GLU A 26 -3.79 2.47 -15.24
CA GLU A 26 -4.65 1.33 -15.31
C GLU A 26 -5.76 1.43 -14.22
N VAL A 27 -5.43 1.96 -13.05
CA VAL A 27 -6.39 2.11 -11.97
C VAL A 27 -7.41 3.20 -12.32
N GLY A 28 -7.07 4.18 -13.14
CA GLY A 28 -7.95 5.27 -13.50
C GLY A 28 -7.58 6.62 -12.92
N VAL A 29 -6.38 6.75 -12.38
CA VAL A 29 -5.92 8.02 -11.79
C VAL A 29 -5.73 9.07 -12.89
N GLY A 30 -6.25 10.25 -12.68
CA GLY A 30 -6.10 11.29 -13.64
C GLY A 30 -4.73 11.92 -13.69
N PHE A 31 -4.47 12.71 -14.72
CA PHE A 31 -3.15 13.24 -15.05
C PHE A 31 -2.52 13.95 -13.89
N ALA A 32 -3.19 14.96 -13.32
CA ALA A 32 -2.54 15.81 -12.31
C ALA A 32 -2.19 15.00 -11.09
N THR A 33 -3.09 14.13 -10.62
CA THR A 33 -2.79 13.31 -9.47
C THR A 33 -1.67 12.31 -9.81
N ARG A 34 -1.63 11.76 -11.01
CA ARG A 34 -0.51 10.89 -11.34
C ARG A 34 0.81 11.63 -11.23
N LYS A 35 0.86 12.86 -11.74
CA LYS A 35 2.14 13.57 -11.76
C LYS A 35 2.59 13.86 -10.33
N VAL A 36 1.70 14.39 -9.49
CA VAL A 36 2.09 14.80 -8.13
C VAL A 36 2.30 13.54 -7.25
N ALA A 37 1.45 12.55 -7.37
CA ALA A 37 1.62 11.31 -6.60
C ALA A 37 2.87 10.56 -7.02
N GLY A 38 3.16 10.58 -8.34
CA GLY A 38 4.34 9.88 -8.82
C GLY A 38 5.62 10.50 -8.28
N MET A 39 5.59 11.82 -8.07
CA MET A 39 6.73 12.54 -7.51
C MET A 39 6.97 12.25 -6.02
N ALA A 40 5.94 11.79 -5.33
CA ALA A 40 6.00 11.66 -3.86
C ALA A 40 7.03 10.58 -3.47
N LYS A 41 7.61 10.80 -2.31
CA LYS A 41 8.55 9.89 -1.70
C LYS A 41 8.02 9.47 -0.34
N PRO A 42 6.96 8.69 -0.28
CA PRO A 42 6.30 8.43 1.01
C PRO A 42 7.19 7.62 1.94
N ASN A 43 6.96 7.90 3.21
CA ASN A 43 7.32 6.96 4.28
C ASN A 43 6.12 6.09 4.60
N MET A 44 6.39 4.85 4.98
CA MET A 44 5.39 3.89 5.39
C MET A 44 5.70 3.55 6.85
N ILE A 45 4.73 3.72 7.75
CA ILE A 45 4.89 3.48 9.18
C ILE A 45 3.91 2.37 9.55
N ILE A 46 4.45 1.22 9.96
CA ILE A 46 3.62 0.04 10.23
C ILE A 46 3.77 -0.29 11.69
N SER A 47 2.62 -0.48 12.36
CA SER A 47 2.59 -0.85 13.75
C SER A 47 1.51 -1.86 14.01
N VAL A 48 1.63 -2.55 15.12
CA VAL A 48 0.68 -3.54 15.53
C VAL A 48 0.37 -3.36 16.99
N ASN A 49 -0.91 -3.47 17.34
CA ASN A 49 -1.37 -3.40 18.76
C ASN A 49 -2.46 -4.44 18.86
N GLY A 50 -2.11 -5.55 19.50
CA GLY A 50 -3.05 -6.68 19.56
C GLY A 50 -3.29 -7.26 18.17
N ASP A 51 -4.53 -7.36 17.78
CA ASP A 51 -4.92 -7.85 16.48
C ASP A 51 -4.99 -6.70 15.43
N VAL A 52 -4.82 -5.46 15.83
CA VAL A 52 -5.00 -4.33 14.96
C VAL A 52 -3.66 -3.90 14.38
N ILE A 53 -3.60 -3.93 13.04
CA ILE A 53 -2.45 -3.42 12.28
C ILE A 53 -2.78 -2.04 11.78
N THR A 54 -1.82 -1.12 11.90
CA THR A 54 -1.96 0.24 11.36
C THR A 54 -0.84 0.46 10.36
N ILE A 55 -1.22 0.96 9.18
CA ILE A 55 -0.25 1.37 8.13
C ILE A 55 -0.52 2.85 7.82
N LYS A 56 0.47 3.68 8.08
CA LYS A 56 0.40 5.10 7.71
CA LYS A 56 0.41 5.11 7.72
C LYS A 56 1.35 5.29 6.53
N SER A 57 0.92 6.15 5.60
CA SER A 57 1.74 6.51 4.43
CA SER A 57 1.76 6.53 4.40
C SER A 57 1.77 8.02 4.37
N GLU A 58 2.95 8.61 4.49
CA GLU A 58 3.11 10.08 4.64
C GLU A 58 4.05 10.63 3.64
N SER A 59 3.60 11.70 2.95
CA SER A 59 4.39 12.31 1.92
C SER A 59 3.99 13.76 1.81
N THR A 60 4.64 14.50 0.92
CA THR A 60 4.24 15.86 0.62
C THR A 60 2.89 15.94 -0.08
N PHE A 61 2.48 14.84 -0.71
CA PHE A 61 1.21 14.74 -1.43
C PHE A 61 0.03 14.50 -0.51
N LYS A 62 0.13 13.47 0.32
CA LYS A 62 -0.95 13.11 1.20
CA LYS A 62 -0.96 13.08 1.23
C LYS A 62 -0.41 12.33 2.42
N ASN A 63 -1.14 12.44 3.49
CA ASN A 63 -0.93 11.59 4.66
C ASN A 63 -2.15 10.71 4.80
N THR A 64 -1.98 9.39 4.72
CA THR A 64 -3.08 8.43 4.88
C THR A 64 -2.79 7.50 6.02
N GLU A 65 -3.87 6.88 6.55
CA GLU A 65 -3.75 5.96 7.65
C GLU A 65 -4.86 4.91 7.49
N ILE A 66 -4.53 3.62 7.60
CA ILE A 66 -5.51 2.53 7.69
C ILE A 66 -5.19 1.72 8.93
N SER A 67 -6.25 1.29 9.61
CA SER A 67 -6.15 0.29 10.68
C SER A 67 -7.15 -0.80 10.38
N PHE A 68 -6.73 -2.04 10.65
CA PHE A 68 -7.51 -3.18 10.24
C PHE A 68 -7.10 -4.42 11.02
N ILE A 69 -7.99 -5.41 10.94
CA ILE A 69 -7.73 -6.77 11.43
C ILE A 69 -7.66 -7.67 10.21
N LEU A 70 -6.72 -8.60 10.20
CA LEU A 70 -6.57 -9.48 9.07
C LEU A 70 -7.87 -10.23 8.81
N GLY A 71 -8.22 -10.29 7.54
CA GLY A 71 -9.41 -10.97 7.11
C GLY A 71 -10.72 -10.27 7.22
N GLN A 72 -10.70 -9.04 7.77
CA GLN A 72 -11.93 -8.31 8.11
C GLN A 72 -12.01 -7.07 7.27
N GLU A 73 -12.98 -7.06 6.37
CA GLU A 73 -13.11 -5.98 5.36
C GLU A 73 -13.34 -4.63 6.04
N PHE A 74 -12.90 -3.57 5.37
CA PHE A 74 -13.05 -2.22 5.83
C PHE A 74 -13.21 -1.30 4.63
N ASP A 75 -13.77 -0.12 4.88
CA ASP A 75 -13.89 0.84 3.81
CA ASP A 75 -13.86 1.04 3.98
C ASP A 75 -12.63 1.79 4.00
N GLU A 76 -12.06 2.17 2.85
CA GLU A 76 -10.80 2.92 2.73
C GLU A 76 -11.04 4.08 1.69
N VAL A 77 -10.59 5.29 2.00
CA VAL A 77 -10.40 6.32 0.99
C VAL A 77 -8.90 6.35 0.64
N THR A 78 -8.57 6.03 -0.62
CA THR A 78 -7.19 5.93 -1.02
C THR A 78 -6.59 7.32 -1.24
N ALA A 79 -5.28 7.34 -1.41
CA ALA A 79 -4.59 8.64 -1.60
C ALA A 79 -5.03 9.36 -2.86
N ASP A 80 -5.41 8.60 -3.86
CA ASP A 80 -5.99 9.10 -5.13
C ASP A 80 -7.53 9.32 -5.10
N ASP A 81 -8.09 9.20 -3.92
CA ASP A 81 -9.48 9.59 -3.64
CA ASP A 81 -9.46 9.58 -3.62
C ASP A 81 -10.48 8.59 -4.21
N ARG A 82 -10.11 7.32 -4.30
CA ARG A 82 -11.11 6.28 -4.56
C ARG A 82 -11.72 5.87 -3.23
N LYS A 83 -13.00 5.51 -3.23
CA LYS A 83 -13.71 4.93 -2.09
CA LYS A 83 -13.67 4.93 -2.07
C LYS A 83 -13.80 3.43 -2.36
N VAL A 84 -13.00 2.66 -1.61
CA VAL A 84 -12.86 1.25 -1.88
C VAL A 84 -13.23 0.42 -0.69
N LYS A 85 -13.54 -0.84 -0.93
CA LYS A 85 -13.70 -1.85 0.08
CA LYS A 85 -13.73 -1.88 0.06
C LYS A 85 -12.49 -2.76 0.06
N SER A 86 -11.80 -2.80 1.19
CA SER A 86 -10.50 -3.47 1.27
C SER A 86 -10.54 -4.63 2.22
N THR A 87 -9.76 -5.65 1.89
CA THR A 87 -9.52 -6.78 2.77
C THR A 87 -8.05 -7.12 2.72
N ILE A 88 -7.41 -7.22 3.91
CA ILE A 88 -5.99 -7.54 3.99
C ILE A 88 -5.82 -8.84 4.74
N THR A 89 -5.06 -9.76 4.16
CA THR A 89 -4.77 -11.03 4.77
C THR A 89 -3.28 -11.28 4.72
N LEU A 90 -2.82 -12.27 5.46
CA LEU A 90 -1.44 -12.74 5.43
C LEU A 90 -1.41 -14.09 4.78
N ASP A 91 -0.71 -14.21 3.68
CA ASP A 91 -0.65 -15.47 2.87
C ASP A 91 0.78 -15.84 2.81
N GLY A 92 1.15 -16.84 3.54
CA GLY A 92 2.54 -17.23 3.41
C GLY A 92 3.57 -16.18 3.63
N GLY A 93 3.32 -15.43 4.64
CA GLY A 93 4.19 -14.31 5.02
C GLY A 93 4.10 -12.96 4.26
N VAL A 94 3.23 -12.93 3.28
CA VAL A 94 2.97 -11.77 2.45
C VAL A 94 1.66 -11.11 2.85
N LEU A 95 1.66 -9.81 3.09
CA LEU A 95 0.44 -9.07 3.31
C LEU A 95 -0.23 -8.85 1.97
N VAL A 96 -1.42 -9.29 1.81
CA VAL A 96 -2.17 -9.21 0.55
C VAL A 96 -3.37 -8.30 0.77
N HIS A 97 -3.40 -7.19 0.06
CA HIS A 97 -4.40 -6.11 0.25
C HIS A 97 -5.20 -6.00 -1.04
N VAL A 98 -6.47 -6.37 -1.01
CA VAL A 98 -7.36 -6.34 -2.17
C VAL A 98 -8.32 -5.15 -1.96
N GLN A 99 -8.41 -4.28 -2.96
CA GLN A 99 -9.31 -3.16 -3.03
C GLN A 99 -10.35 -3.35 -4.11
N LYS A 100 -11.63 -3.19 -3.77
CA LYS A 100 -12.73 -3.33 -4.69
C LYS A 100 -13.46 -2.04 -4.81
N TRP A 101 -13.78 -1.60 -6.02
CA TRP A 101 -14.62 -0.43 -6.23
C TRP A 101 -15.12 -0.40 -7.63
N ASP A 102 -16.35 0.06 -7.84
CA ASP A 102 -16.91 0.22 -9.18
C ASP A 102 -16.74 -1.01 -10.08
N GLY A 103 -16.85 -2.20 -9.52
CA GLY A 103 -16.68 -3.41 -10.29
C GLY A 103 -15.25 -3.79 -10.66
N LYS A 104 -14.28 -3.02 -10.19
CA LYS A 104 -12.87 -3.18 -10.43
C LYS A 104 -12.18 -3.72 -9.18
N SER A 105 -10.96 -4.21 -9.38
CA SER A 105 -10.17 -4.72 -8.24
C SER A 105 -8.69 -4.47 -8.53
N THR A 106 -7.95 -4.17 -7.47
CA THR A 106 -6.50 -4.14 -7.53
C THR A 106 -5.95 -4.80 -6.28
N THR A 107 -4.77 -5.38 -6.40
CA THR A 107 -4.14 -6.11 -5.29
C THR A 107 -2.75 -5.52 -5.07
N ILE A 108 -2.46 -5.21 -3.80
CA ILE A 108 -1.18 -4.70 -3.34
C ILE A 108 -0.63 -5.73 -2.40
N LYS A 109 0.56 -6.25 -2.74
CA LYS A 109 1.28 -7.20 -1.90
C LYS A 109 2.49 -6.54 -1.27
N ARG A 110 2.70 -6.79 0.02
CA ARG A 110 3.84 -6.27 0.78
C ARG A 110 4.61 -7.47 1.33
N LYS A 111 5.91 -7.52 1.08
CA LYS A 111 6.73 -8.65 1.57
C LYS A 111 8.10 -8.15 1.99
N ARG A 112 8.67 -8.84 2.93
CA ARG A 112 10.05 -8.59 3.32
C ARG A 112 10.97 -9.42 2.45
N GLU A 113 11.97 -8.77 1.88
CA GLU A 113 12.99 -9.40 1.04
CA GLU A 113 13.00 -9.42 1.08
C GLU A 113 14.33 -8.78 1.43
N ASP A 114 15.22 -9.55 2.00
CA ASP A 114 16.49 -9.02 2.53
C ASP A 114 16.12 -7.86 3.49
N ASP A 115 16.81 -6.71 3.40
CA ASP A 115 16.48 -5.60 4.25
C ASP A 115 15.42 -4.68 3.69
N LYS A 116 14.76 -5.10 2.66
CA LYS A 116 13.75 -4.26 2.02
C LYS A 116 12.33 -4.73 2.36
N LEU A 117 11.40 -3.80 2.19
CA LEU A 117 9.99 -4.06 2.17
C LEU A 117 9.55 -3.78 0.75
N VAL A 118 9.13 -4.80 0.01
CA VAL A 118 8.83 -4.69 -1.40
C VAL A 118 7.29 -4.69 -1.56
N VAL A 119 6.81 -3.67 -2.25
CA VAL A 119 5.39 -3.45 -2.50
C VAL A 119 5.11 -3.69 -4.00
N GLU A 120 4.25 -4.65 -4.31
CA GLU A 120 3.90 -4.97 -5.69
C GLU A 120 2.41 -4.64 -5.85
N CYS A 121 2.13 -3.77 -6.81
CA CYS A 121 0.77 -3.26 -7.04
C CYS A 121 0.35 -3.80 -8.39
N VAL A 122 -0.80 -4.48 -8.49
CA VAL A 122 -1.21 -5.07 -9.73
C VAL A 122 -2.61 -4.63 -10.09
N MET A 123 -2.82 -4.17 -11.31
CA MET A 123 -4.15 -3.77 -11.83
C MET A 123 -4.19 -4.43 -13.24
N LYS A 124 -5.09 -5.41 -13.44
CA LYS A 124 -5.14 -6.21 -14.59
C LYS A 124 -3.72 -6.76 -14.87
N GLY A 125 -3.23 -6.53 -16.05
CA GLY A 125 -1.93 -7.03 -16.36
C GLY A 125 -0.78 -6.15 -16.02
N VAL A 126 -1.01 -5.02 -15.35
CA VAL A 126 0.05 -4.07 -15.09
C VAL A 126 0.53 -4.11 -13.64
N THR A 127 1.83 -4.31 -13.45
CA THR A 127 2.46 -4.34 -12.15
C THR A 127 3.39 -3.19 -11.95
N SER A 128 3.37 -2.63 -10.76
CA SER A 128 4.37 -1.70 -10.32
C SER A 128 5.03 -2.23 -9.08
N THR A 129 6.37 -2.05 -9.02
CA THR A 129 7.16 -2.49 -7.90
C THR A 129 7.78 -1.30 -7.22
N ARG A 130 7.55 -1.17 -5.91
CA ARG A 130 8.01 -0.07 -5.08
C ARG A 130 8.79 -0.65 -3.92
N VAL A 131 10.04 -0.24 -3.77
CA VAL A 131 10.95 -0.79 -2.79
C VAL A 131 11.16 0.20 -1.70
N TYR A 132 11.02 -0.19 -0.44
CA TYR A 132 11.24 0.60 0.75
C TYR A 132 12.40 -0.04 1.58
N GLU A 133 13.11 0.84 2.27
CA GLU A 133 14.17 0.48 3.22
CA GLU A 133 14.11 0.38 3.26
C GLU A 133 13.90 1.13 4.55
N ARG A 134 14.49 0.61 5.63
CA ARG A 134 14.26 1.19 6.98
C ARG A 134 14.76 2.58 6.97
N ALA A 135 14.01 3.45 7.60
CA ALA A 135 14.35 4.82 7.76
C ALA A 135 15.46 4.99 8.74
CAA 5WX B . -0.25 4.77 -0.02
OAG 5WX B . 0.18 6.09 -0.02
CAJ 5WX B . 0.78 6.59 -1.18
CAL 5WX B . 1.12 7.95 -1.21
CAI 5WX B . 1.01 8.99 -0.26
NAB 5WX B . 0.45 8.91 1.03
NAF 5WX B . 1.45 10.13 -0.76
OAH 5WX B . 1.93 9.79 -2.06
CAK 5WX B . 1.74 8.50 -2.32
CAE 5WX B . 2.04 7.73 -3.46
CAC 5WX B . 1.68 6.41 -3.43
CAD 5WX B . 1.07 5.83 -2.29
S SO4 C . 15.38 -6.50 10.27
O1 SO4 C . 15.94 -7.12 9.07
O2 SO4 C . 16.00 -7.01 11.47
O3 SO4 C . 13.91 -6.70 10.45
O4 SO4 C . 15.65 -5.04 10.31
O08 UNU D . 4.00 2.97 -2.28
C07 UNU D . 3.09 2.39 -1.72
N09 UNU D . 3.18 2.12 -0.42
C06 UNU D . 1.83 2.07 -2.40
C01 UNU D . 0.73 1.49 -1.68
C05 UNU D . 1.61 2.31 -3.75
C04 UNU D . 0.34 2.04 -4.30
C03 UNU D . -0.70 1.46 -3.58
C02 UNU D . -0.50 1.20 -2.23
S DMS E . -0.80 -10.04 14.53
S DMS E . -1.89 -10.30 13.68
O DMS E . -0.76 -10.93 13.39
O DMS E . -0.43 -10.64 13.64
C1 DMS E . -1.77 -8.79 13.96
C1 DMS E . -2.53 -10.77 15.20
C2 DMS E . -1.95 -10.50 15.72
C2 DMS E . -2.04 -8.61 13.84
S SO4 F . 7.56 5.34 -11.80
O1 SO4 F . 7.70 6.40 -10.80
O2 SO4 F . 7.54 4.12 -11.08
O3 SO4 F . 8.78 5.31 -12.72
O4 SO4 F . 6.37 5.63 -12.79
#